data_3FCL
#
_entry.id   3FCL
#
_cell.length_a   70.108
_cell.length_b   43.387
_cell.length_c   70.684
_cell.angle_alpha   90.000
_cell.angle_beta   90.430
_cell.angle_gamma   90.000
#
_symmetry.space_group_name_H-M   'P 1 21 1'
#
loop_
_entity.id
_entity.type
_entity.pdbx_description
1 polymer 'Uracil-DNA glycosylase'
2 non-polymer '3-{[(4-{[(2,6-dioxo-1,2,3,6-tetrahydropyrimidin-4-yl)methyl]amino}butyl)amino]methyl}benzoic acid'
3 non-polymer 'THIOCYANATE ION'
4 water water
#
_entity_poly.entity_id   1
_entity_poly.type   'polypeptide(L)'
_entity_poly.pdbx_seq_one_letter_code
;MEFFGESWKKHLSGEFGKPYFIKLMGFVAEERKHYTVYPPPHQVFTWTQMCDIKDVKVVILGQDPYHGPNQAHGLCFSVQ
RPVPPPPSLENIYKELSTDIEDFVHPGHGDLSGWAKQGVLLLNAVLTVRAHQANSHKERGWEQFTDAVVSWLNQNSNGLV
FLLWGSYAQKKGSAIDRKRHHVLQTAHPSPLSVYRGFFGCRHFSKTNELLQKSGKKPIDWKEL
;
_entity_poly.pdbx_strand_id   A,B
#
loop_
_chem_comp.id
_chem_comp.type
_chem_comp.name
_chem_comp.formula
3FL non-polymer '3-{[(4-{[(2,6-dioxo-1,2,3,6-tetrahydropyrimidin-4-yl)methyl]amino}butyl)amino]methyl}benzoic acid' 'C17 H22 N4 O4'
SCN non-polymer 'THIOCYANATE ION' 'C N S -1'
#
# COMPACT_ATOMS: atom_id res chain seq x y z
N GLU A 2 -18.27 -31.63 3.13
CA GLU A 2 -16.81 -31.80 2.96
C GLU A 2 -16.15 -30.49 2.53
N PHE A 3 -14.86 -30.35 2.82
CA PHE A 3 -14.22 -29.05 2.63
C PHE A 3 -13.92 -28.68 1.15
N PHE A 4 -13.97 -29.65 0.25
CA PHE A 4 -13.68 -29.40 -1.16
C PHE A 4 -14.83 -29.89 -2.04
N GLY A 5 -15.53 -28.96 -2.68
CA GLY A 5 -16.70 -29.28 -3.54
C GLY A 5 -16.39 -30.31 -4.62
N GLU A 6 -17.30 -31.27 -4.79
CA GLU A 6 -17.02 -32.43 -5.65
C GLU A 6 -16.92 -32.12 -7.14
N SER A 7 -17.69 -31.15 -7.63
CA SER A 7 -17.65 -30.79 -9.05
C SER A 7 -16.31 -30.17 -9.43
N TRP A 8 -15.76 -29.40 -8.50
CA TRP A 8 -14.44 -28.80 -8.65
C TRP A 8 -13.35 -29.88 -8.59
N LYS A 9 -13.49 -30.78 -7.62
CA LYS A 9 -12.55 -31.88 -7.44
C LYS A 9 -12.43 -32.76 -8.68
N LYS A 10 -13.57 -33.03 -9.32
CA LYS A 10 -13.61 -33.86 -10.52
C LYS A 10 -12.68 -33.32 -11.60
N HIS A 11 -12.63 -32.00 -11.73
CA HIS A 11 -11.83 -31.35 -12.76
C HIS A 11 -10.43 -30.94 -12.33
N LEU A 12 -10.22 -30.79 -11.03
CA LEU A 12 -8.94 -30.30 -10.50
C LEU A 12 -8.05 -31.39 -9.87
N SER A 13 -8.59 -32.60 -9.75
CA SER A 13 -7.91 -33.70 -9.05
C SER A 13 -6.55 -34.07 -9.62
N GLY A 14 -6.33 -33.80 -10.91
CA GLY A 14 -5.04 -34.03 -11.55
C GLY A 14 -3.88 -33.27 -10.92
N GLU A 15 -4.20 -32.18 -10.22
CA GLU A 15 -3.20 -31.38 -9.53
C GLU A 15 -2.72 -32.00 -8.22
N PHE A 16 -3.59 -32.76 -7.57
CA PHE A 16 -3.39 -33.15 -6.17
C PHE A 16 -2.19 -34.06 -5.91
N GLY A 17 -1.90 -34.93 -6.87
CA GLY A 17 -0.76 -35.84 -6.74
C GLY A 17 0.53 -35.29 -7.33
N LYS A 18 0.47 -34.08 -7.87
CA LYS A 18 1.65 -33.43 -8.45
C LYS A 18 2.64 -33.03 -7.34
N PRO A 19 3.95 -33.14 -7.63
CA PRO A 19 4.97 -32.80 -6.63
C PRO A 19 4.72 -31.49 -5.88
N TYR A 20 4.36 -30.43 -6.59
CA TYR A 20 4.18 -29.11 -5.98
C TYR A 20 3.01 -29.12 -4.96
N PHE A 21 1.97 -29.89 -5.25
CA PHE A 21 0.77 -29.85 -4.42
C PHE A 21 0.97 -30.54 -3.09
N ILE A 22 1.60 -31.72 -3.13
CA ILE A 22 1.93 -32.45 -1.90
C ILE A 22 2.85 -31.58 -1.01
N LYS A 23 3.84 -30.95 -1.64
CA LYS A 23 4.76 -30.05 -0.94
C LYS A 23 4.01 -28.90 -0.28
N LEU A 24 3.12 -28.26 -1.04
CA LEU A 24 2.27 -27.19 -0.52
C LEU A 24 1.45 -27.64 0.70
N MET A 25 0.75 -28.77 0.59
CA MET A 25 0.00 -29.32 1.73
C MET A 25 0.88 -29.52 2.97
N GLY A 26 2.09 -30.03 2.76
CA GLY A 26 3.06 -30.22 3.84
C GLY A 26 3.46 -28.90 4.50
N PHE A 27 3.71 -27.90 3.66
CA PHE A 27 4.10 -26.57 4.13
C PHE A 27 3.00 -25.96 5.01
N VAL A 28 1.77 -25.96 4.51
CA VAL A 28 0.65 -25.38 5.25
C VAL A 28 0.43 -26.14 6.57
N ALA A 29 0.50 -27.46 6.51
CA ALA A 29 0.33 -28.29 7.69
C ALA A 29 1.36 -27.95 8.76
N GLU A 30 2.62 -27.78 8.35
CA GLU A 30 3.69 -27.43 9.27
C GLU A 30 3.47 -26.04 9.88
N GLU A 31 3.01 -25.10 9.04
CA GLU A 31 2.68 -23.77 9.50
C GLU A 31 1.58 -23.80 10.56
N ARG A 32 0.52 -24.58 10.32
CA ARG A 32 -0.60 -24.68 11.28
C ARG A 32 -0.19 -25.25 12.63
N LYS A 33 0.90 -26.02 12.64
CA LYS A 33 1.40 -26.59 13.90
C LYS A 33 2.08 -25.56 14.78
N HIS A 34 2.67 -24.54 14.18
CA HIS A 34 3.47 -23.55 14.91
C HIS A 34 2.85 -22.16 14.97
N TYR A 35 1.88 -21.92 14.10
CA TYR A 35 1.26 -20.60 13.94
C TYR A 35 -0.24 -20.69 13.78
N THR A 36 -0.90 -19.55 13.97
CA THR A 36 -2.30 -19.44 13.59
C THR A 36 -2.33 -19.05 12.11
N VAL A 37 -2.98 -19.90 11.32
CA VAL A 37 -3.05 -19.71 9.88
C VAL A 37 -4.50 -19.46 9.44
N TYR A 38 -4.70 -18.49 8.56
CA TYR A 38 -6.01 -18.10 8.07
C TYR A 38 -6.14 -18.40 6.58
N PRO A 39 -7.35 -18.76 6.12
CA PRO A 39 -8.54 -19.01 6.94
C PRO A 39 -8.41 -20.35 7.69
N PRO A 40 -9.35 -20.64 8.60
CA PRO A 40 -9.40 -21.94 9.29
C PRO A 40 -9.45 -23.12 8.29
N PRO A 41 -9.03 -24.32 8.75
CA PRO A 41 -8.88 -25.49 7.89
C PRO A 41 -10.11 -25.83 7.04
N HIS A 42 -11.30 -25.58 7.58
CA HIS A 42 -12.54 -25.94 6.88
C HIS A 42 -12.98 -24.85 5.89
N GLN A 43 -12.23 -23.75 5.81
CA GLN A 43 -12.61 -22.62 4.96
C GLN A 43 -11.58 -22.20 3.91
N VAL A 44 -10.53 -23.00 3.74
CA VAL A 44 -9.54 -22.74 2.69
C VAL A 44 -10.16 -22.81 1.28
N PHE A 45 -11.14 -23.70 1.11
CA PHE A 45 -11.73 -23.97 -0.21
C PHE A 45 -13.23 -23.61 -0.30
N THR A 46 -13.65 -22.61 0.48
CA THR A 46 -15.04 -22.16 0.46
C THR A 46 -15.51 -21.82 -0.95
N TRP A 47 -14.59 -21.31 -1.77
CA TRP A 47 -14.86 -20.95 -3.18
C TRP A 47 -15.24 -22.15 -4.05
N THR A 48 -14.98 -23.37 -3.55
CA THR A 48 -15.45 -24.59 -4.25
C THR A 48 -16.83 -25.06 -3.77
N GLN A 49 -17.33 -24.45 -2.70
CA GLN A 49 -18.52 -24.96 -1.99
C GLN A 49 -19.82 -24.26 -2.34
N MET A 50 -19.72 -23.09 -2.98
CA MET A 50 -20.86 -22.18 -3.12
C MET A 50 -21.69 -22.39 -4.39
N CYS A 51 -21.04 -22.91 -5.43
CA CYS A 51 -21.73 -23.27 -6.66
C CYS A 51 -20.95 -24.38 -7.36
N ASP A 52 -21.61 -25.05 -8.29
CA ASP A 52 -20.97 -26.02 -9.18
C ASP A 52 -19.99 -25.29 -10.11
N ILE A 53 -18.87 -25.93 -10.40
CA ILE A 53 -17.86 -25.33 -11.29
C ILE A 53 -18.46 -24.92 -12.64
N LYS A 54 -19.44 -25.69 -13.11
CA LYS A 54 -20.06 -25.44 -14.42
C LYS A 54 -20.93 -24.20 -14.41
N ASP A 55 -21.25 -23.71 -13.22
CA ASP A 55 -22.16 -22.58 -13.07
C ASP A 55 -21.46 -21.25 -12.85
N VAL A 56 -20.13 -21.26 -12.92
CA VAL A 56 -19.34 -20.03 -12.81
C VAL A 56 -19.68 -19.11 -13.99
N LYS A 57 -19.92 -17.84 -13.68
CA LYS A 57 -20.22 -16.82 -14.68
C LYS A 57 -19.19 -15.69 -14.65
N VAL A 58 -18.67 -15.41 -13.46
CA VAL A 58 -17.83 -14.25 -13.22
C VAL A 58 -16.66 -14.68 -12.33
N VAL A 59 -15.46 -14.17 -12.61
CA VAL A 59 -14.29 -14.53 -11.81
C VAL A 59 -13.63 -13.26 -11.31
N ILE A 60 -13.58 -13.09 -9.99
CA ILE A 60 -12.87 -11.98 -9.38
C ILE A 60 -11.62 -12.55 -8.72
N LEU A 61 -10.45 -12.15 -9.25
CA LEU A 61 -9.18 -12.66 -8.76
C LEU A 61 -8.57 -11.75 -7.70
N GLY A 62 -8.25 -12.33 -6.55
CA GLY A 62 -7.53 -11.62 -5.51
C GLY A 62 -6.12 -12.12 -5.35
N GLN A 63 -5.44 -11.62 -4.31
CA GLN A 63 -4.05 -11.98 -4.05
C GLN A 63 -3.89 -12.85 -2.80
N ASP A 64 -3.97 -12.20 -1.64
CA ASP A 64 -3.67 -12.81 -0.34
C ASP A 64 -4.95 -12.72 0.49
N PRO A 65 -5.25 -13.75 1.32
CA PRO A 65 -6.42 -13.67 2.20
C PRO A 65 -6.20 -12.62 3.29
N TYR A 66 -7.30 -12.09 3.86
CA TYR A 66 -7.19 -11.20 5.02
C TYR A 66 -6.35 -11.89 6.09
N HIS A 67 -5.52 -11.11 6.80
CA HIS A 67 -4.63 -11.71 7.80
C HIS A 67 -4.98 -11.41 9.27
N GLY A 68 -6.11 -10.76 9.51
CA GLY A 68 -6.60 -10.49 10.87
C GLY A 68 -7.60 -11.52 11.37
N PRO A 69 -7.71 -11.67 12.71
CA PRO A 69 -8.64 -12.61 13.33
C PRO A 69 -10.06 -12.47 12.77
N ASN A 70 -10.67 -13.62 12.44
CA ASN A 70 -12.08 -13.70 12.05
C ASN A 70 -12.40 -13.11 10.68
N GLN A 71 -11.39 -12.73 9.90
CA GLN A 71 -11.64 -12.06 8.62
C GLN A 71 -11.77 -13.02 7.44
N ALA A 72 -10.67 -13.65 7.04
CA ALA A 72 -10.68 -14.54 5.87
C ALA A 72 -11.55 -15.77 6.09
N HIS A 73 -12.40 -16.10 5.11
CA HIS A 73 -13.19 -17.33 5.18
C HIS A 73 -13.26 -18.07 3.84
N GLY A 74 -12.29 -17.79 2.95
CA GLY A 74 -12.10 -18.59 1.72
C GLY A 74 -12.73 -18.00 0.47
N LEU A 75 -13.29 -16.80 0.60
CA LEU A 75 -13.81 -16.03 -0.55
C LEU A 75 -13.09 -14.70 -0.54
N CYS A 76 -12.47 -14.31 -1.65
CA CYS A 76 -11.71 -13.06 -1.65
C CYS A 76 -12.60 -11.86 -1.31
N PHE A 77 -12.05 -10.98 -0.48
CA PHE A 77 -12.66 -9.71 -0.03
C PHE A 77 -13.76 -9.82 1.01
N SER A 78 -14.28 -11.03 1.19
CA SER A 78 -15.46 -11.30 2.03
C SER A 78 -15.09 -11.46 3.51
N VAL A 79 -16.01 -11.03 4.39
CA VAL A 79 -15.89 -11.31 5.83
C VAL A 79 -17.27 -11.71 6.38
N GLN A 80 -17.31 -12.76 7.19
CA GLN A 80 -18.58 -13.23 7.77
C GLN A 80 -19.08 -12.30 8.87
N ARG A 81 -20.39 -12.33 9.12
CA ARG A 81 -20.99 -11.57 10.22
C ARG A 81 -20.35 -12.06 11.53
N PRO A 82 -20.13 -11.14 12.48
CA PRO A 82 -20.44 -9.70 12.46
C PRO A 82 -19.25 -8.80 12.12
N VAL A 83 -18.28 -9.32 11.39
CA VAL A 83 -17.06 -8.57 11.09
C VAL A 83 -17.37 -7.38 10.16
N PRO A 84 -16.86 -6.17 10.51
CA PRO A 84 -17.13 -5.01 9.67
C PRO A 84 -16.42 -5.14 8.32
N PRO A 85 -17.08 -4.74 7.23
CA PRO A 85 -16.34 -4.76 5.95
C PRO A 85 -15.03 -3.96 6.05
N PRO A 86 -13.89 -4.57 5.72
CA PRO A 86 -12.62 -3.83 5.62
C PRO A 86 -12.65 -2.73 4.54
N PRO A 87 -11.68 -1.80 4.57
CA PRO A 87 -11.71 -0.66 3.64
C PRO A 87 -11.88 -1.04 2.16
N SER A 88 -11.16 -2.07 1.71
CA SER A 88 -11.29 -2.53 0.32
C SER A 88 -12.74 -2.86 0.00
N LEU A 89 -13.39 -3.58 0.90
CA LEU A 89 -14.78 -4.00 0.68
C LEU A 89 -15.76 -2.82 0.75
N GLU A 90 -15.53 -1.88 1.67
CA GLU A 90 -16.35 -0.67 1.69
C GLU A 90 -16.25 0.08 0.35
N ASN A 91 -15.06 0.12 -0.22
CA ASN A 91 -14.88 0.75 -1.53
C ASN A 91 -15.59 0.01 -2.66
N ILE A 92 -15.59 -1.31 -2.60
CA ILE A 92 -16.37 -2.13 -3.54
C ILE A 92 -17.86 -1.77 -3.45
N TYR A 93 -18.39 -1.77 -2.24
CA TYR A 93 -19.78 -1.37 -2.03
C TYR A 93 -20.06 0.08 -2.47
N LYS A 94 -19.09 0.97 -2.27
CA LYS A 94 -19.25 2.35 -2.70
C LYS A 94 -19.37 2.43 -4.24
N GLU A 95 -18.51 1.70 -4.93
CA GLU A 95 -18.57 1.66 -6.40
C GLU A 95 -19.88 1.06 -6.87
N LEU A 96 -20.32 -0.02 -6.23
CA LEU A 96 -21.63 -0.59 -6.56
C LEU A 96 -22.74 0.47 -6.46
N SER A 97 -22.72 1.26 -5.38
CA SER A 97 -23.75 2.28 -5.14
C SER A 97 -23.84 3.36 -6.23
N THR A 98 -22.71 3.67 -6.86
CA THR A 98 -22.69 4.68 -7.92
C THR A 98 -22.84 4.06 -9.32
N ASP A 99 -22.39 2.82 -9.45
CA ASP A 99 -22.48 2.10 -10.71
C ASP A 99 -23.93 1.70 -10.97
N ILE A 100 -24.54 1.08 -9.95
CA ILE A 100 -25.90 0.60 -10.06
C ILE A 100 -26.76 1.27 -8.99
N GLU A 101 -27.58 2.23 -9.42
CA GLU A 101 -28.43 3.01 -8.52
C GLU A 101 -29.22 2.14 -7.55
N ASP A 102 -29.74 1.03 -8.04
CA ASP A 102 -30.65 0.19 -7.25
C ASP A 102 -29.94 -0.75 -6.27
N PHE A 103 -28.62 -0.83 -6.34
CA PHE A 103 -27.86 -1.60 -5.37
C PHE A 103 -28.21 -1.16 -3.95
N VAL A 104 -28.28 -2.14 -3.06
CA VAL A 104 -28.51 -1.87 -1.64
C VAL A 104 -27.38 -2.50 -0.81
N HIS A 105 -26.74 -1.70 0.04
CA HIS A 105 -25.71 -2.16 0.95
C HIS A 105 -26.36 -3.13 1.92
N PRO A 106 -25.78 -4.35 2.07
CA PRO A 106 -26.43 -5.34 2.94
C PRO A 106 -26.21 -5.10 4.43
N GLY A 107 -25.28 -4.21 4.80
CA GLY A 107 -24.96 -3.96 6.20
C GLY A 107 -24.05 -5.01 6.83
N HIS A 108 -23.41 -5.81 5.97
CA HIS A 108 -22.40 -6.79 6.40
C HIS A 108 -21.45 -7.03 5.22
N GLY A 109 -20.39 -7.82 5.45
CA GLY A 109 -19.37 -8.01 4.41
C GLY A 109 -19.29 -9.41 3.82
N ASP A 110 -20.34 -10.21 4.03
CA ASP A 110 -20.35 -11.60 3.59
C ASP A 110 -20.80 -11.68 2.14
N LEU A 111 -19.87 -12.09 1.27
CA LEU A 111 -20.11 -12.11 -0.17
C LEU A 111 -20.61 -13.46 -0.69
N SER A 112 -21.02 -14.33 0.23
CA SER A 112 -21.54 -15.67 -0.13
C SER A 112 -22.67 -15.59 -1.17
N GLY A 113 -23.49 -14.54 -1.07
CA GLY A 113 -24.62 -14.35 -1.99
C GLY A 113 -24.18 -14.23 -3.44
N TRP A 114 -22.99 -13.65 -3.65
CA TRP A 114 -22.44 -13.54 -5.01
C TRP A 114 -21.88 -14.90 -5.45
N ALA A 115 -21.18 -15.55 -4.54
CA ALA A 115 -20.59 -16.85 -4.80
C ALA A 115 -21.66 -17.85 -5.26
N LYS A 116 -22.80 -17.86 -4.58
CA LYS A 116 -23.91 -18.75 -4.90
C LYS A 116 -24.45 -18.53 -6.32
N GLN A 117 -24.33 -17.29 -6.81
CA GLN A 117 -24.79 -16.92 -8.15
C GLN A 117 -23.77 -17.19 -9.26
N GLY A 118 -22.63 -17.78 -8.90
CA GLY A 118 -21.58 -18.03 -9.89
C GLY A 118 -20.48 -16.99 -10.00
N VAL A 119 -20.36 -16.16 -8.98
CA VAL A 119 -19.22 -15.25 -8.92
C VAL A 119 -18.09 -15.96 -8.16
N LEU A 120 -17.07 -16.41 -8.88
CA LEU A 120 -15.92 -17.06 -8.25
C LEU A 120 -15.02 -16.02 -7.61
N LEU A 121 -14.91 -16.09 -6.29
CA LEU A 121 -14.13 -15.12 -5.54
C LEU A 121 -12.82 -15.78 -5.11
N LEU A 122 -11.87 -15.85 -6.05
CA LEU A 122 -10.64 -16.65 -5.87
C LEU A 122 -9.37 -15.84 -5.56
N ASN A 123 -8.78 -16.07 -4.40
CA ASN A 123 -7.45 -15.54 -4.10
C ASN A 123 -6.38 -16.44 -4.73
N ALA A 124 -5.27 -15.84 -5.16
CA ALA A 124 -4.18 -16.56 -5.78
C ALA A 124 -3.46 -17.46 -4.77
N VAL A 125 -3.34 -16.92 -3.55
CA VAL A 125 -2.69 -17.58 -2.42
C VAL A 125 -3.80 -17.80 -1.40
N LEU A 126 -3.95 -19.03 -0.90
CA LEU A 126 -5.17 -19.39 -0.18
C LEU A 126 -5.04 -19.53 1.34
N THR A 127 -3.81 -19.37 1.83
CA THR A 127 -3.58 -19.27 3.27
C THR A 127 -2.61 -18.14 3.58
N VAL A 128 -2.62 -17.68 4.83
CA VAL A 128 -1.68 -16.67 5.30
C VAL A 128 -1.46 -16.88 6.81
N ARG A 129 -0.24 -16.64 7.27
CA ARG A 129 0.05 -16.65 8.70
C ARG A 129 -0.58 -15.41 9.33
N ALA A 130 -1.24 -15.58 10.47
CA ALA A 130 -1.89 -14.47 11.17
C ALA A 130 -0.99 -13.24 11.28
N HIS A 131 -1.54 -12.09 10.90
CA HIS A 131 -0.88 -10.78 11.04
C HIS A 131 0.33 -10.55 10.09
N GLN A 132 0.61 -11.51 9.22
CA GLN A 132 1.79 -11.42 8.36
C GLN A 132 1.40 -11.52 6.89
N ALA A 133 1.16 -10.38 6.26
CA ALA A 133 0.78 -10.34 4.84
C ALA A 133 1.83 -11.03 3.97
N ASN A 134 1.35 -11.83 3.01
CA ASN A 134 2.23 -12.52 2.04
C ASN A 134 3.16 -13.60 2.64
N SER A 135 2.86 -14.02 3.86
CA SER A 135 3.69 -15.01 4.55
C SER A 135 3.73 -16.37 3.84
N HIS A 136 2.67 -16.69 3.08
CA HIS A 136 2.61 -17.98 2.37
C HIS A 136 2.76 -17.82 0.84
N LYS A 137 3.32 -16.69 0.43
CA LYS A 137 3.54 -16.38 -0.98
C LYS A 137 4.59 -17.34 -1.59
N GLU A 138 4.32 -17.79 -2.81
CA GLU A 138 5.25 -18.64 -3.60
C GLU A 138 5.66 -19.94 -2.88
N ARG A 139 4.66 -20.60 -2.30
CA ARG A 139 4.86 -21.89 -1.64
C ARG A 139 4.10 -23.00 -2.36
N GLY A 140 3.45 -22.64 -3.47
CA GLY A 140 2.71 -23.60 -4.30
C GLY A 140 1.28 -23.20 -4.63
N TRP A 141 0.68 -22.30 -3.85
CA TRP A 141 -0.72 -21.91 -4.09
C TRP A 141 -0.88 -21.34 -5.50
N GLU A 142 0.07 -20.51 -5.91
CA GLU A 142 0.03 -19.84 -7.22
C GLU A 142 -0.13 -20.84 -8.36
N GLN A 143 0.62 -21.93 -8.33
CA GLN A 143 0.50 -22.95 -9.36
C GLN A 143 -0.91 -23.59 -9.35
N PHE A 144 -1.42 -23.87 -8.15
CA PHE A 144 -2.76 -24.44 -8.02
C PHE A 144 -3.86 -23.52 -8.53
N THR A 145 -3.82 -22.26 -8.12
CA THR A 145 -4.86 -21.32 -8.55
C THR A 145 -4.71 -20.94 -10.03
N ASP A 146 -3.48 -20.95 -10.55
CA ASP A 146 -3.25 -20.86 -12.01
C ASP A 146 -3.97 -22.00 -12.74
N ALA A 147 -3.90 -23.20 -12.17
CA ALA A 147 -4.59 -24.38 -12.72
C ALA A 147 -6.11 -24.21 -12.75
N VAL A 148 -6.67 -23.57 -11.72
CA VAL A 148 -8.10 -23.30 -11.67
C VAL A 148 -8.51 -22.32 -12.80
N VAL A 149 -7.74 -21.24 -12.91
CA VAL A 149 -7.93 -20.22 -13.95
C VAL A 149 -7.78 -20.82 -15.35
N SER A 150 -6.75 -21.65 -15.52
CA SER A 150 -6.50 -22.32 -16.79
C SER A 150 -7.65 -23.25 -17.18
N TRP A 151 -8.19 -24.00 -16.22
CA TRP A 151 -9.32 -24.88 -16.51
C TRP A 151 -10.53 -24.08 -16.98
N LEU A 152 -10.86 -23.02 -16.24
CA LEU A 152 -12.00 -22.18 -16.61
C LEU A 152 -11.80 -21.54 -17.97
N ASN A 153 -10.57 -21.10 -18.24
CA ASN A 153 -10.24 -20.50 -19.52
C ASN A 153 -10.51 -21.44 -20.69
N GLN A 154 -10.13 -22.71 -20.55
CA GLN A 154 -10.25 -23.68 -21.63
C GLN A 154 -11.63 -24.35 -21.72
N ASN A 155 -12.31 -24.45 -20.59
CA ASN A 155 -13.49 -25.32 -20.47
C ASN A 155 -14.81 -24.62 -20.17
N SER A 156 -14.82 -23.30 -20.25
CA SER A 156 -16.07 -22.56 -20.15
C SER A 156 -16.17 -21.54 -21.27
N ASN A 157 -17.30 -20.84 -21.29
CA ASN A 157 -17.62 -19.95 -22.39
C ASN A 157 -18.17 -18.61 -21.93
N GLY A 158 -17.52 -17.52 -22.35
CA GLY A 158 -18.01 -16.17 -22.09
C GLY A 158 -18.02 -15.72 -20.63
N LEU A 159 -17.08 -16.25 -19.84
CA LEU A 159 -16.87 -15.74 -18.48
C LEU A 159 -16.44 -14.28 -18.48
N VAL A 160 -16.83 -13.55 -17.44
CA VAL A 160 -16.29 -12.23 -17.21
C VAL A 160 -15.25 -12.31 -16.10
N PHE A 161 -14.01 -11.96 -16.43
CA PHE A 161 -12.92 -11.88 -15.44
C PHE A 161 -12.69 -10.45 -15.01
N LEU A 162 -12.74 -10.21 -13.70
CA LEU A 162 -12.54 -8.88 -13.14
C LEU A 162 -11.16 -8.84 -12.49
N LEU A 163 -10.28 -8.03 -13.06
CA LEU A 163 -8.88 -7.98 -12.65
C LEU A 163 -8.57 -6.63 -12.04
N TRP A 164 -8.47 -6.62 -10.71
CA TRP A 164 -8.34 -5.40 -9.93
C TRP A 164 -6.94 -5.33 -9.32
N GLY A 165 -6.15 -4.38 -9.80
CA GLY A 165 -4.77 -4.25 -9.35
C GLY A 165 -3.81 -5.03 -10.25
N SER A 166 -2.52 -4.67 -10.18
CA SER A 166 -1.52 -5.26 -11.06
C SER A 166 -1.33 -6.75 -10.83
N TYR A 167 -1.48 -7.21 -9.59
CA TYR A 167 -1.27 -8.63 -9.28
C TYR A 167 -2.30 -9.50 -10.02
N ALA A 168 -3.57 -9.12 -9.92
CA ALA A 168 -4.65 -9.83 -10.59
C ALA A 168 -4.54 -9.72 -12.10
N GLN A 169 -4.07 -8.57 -12.57
CA GLN A 169 -3.87 -8.36 -14.01
C GLN A 169 -2.83 -9.33 -14.55
N LYS A 170 -1.73 -9.52 -13.82
CA LYS A 170 -0.69 -10.49 -14.16
C LYS A 170 -1.24 -11.92 -14.16
N LYS A 171 -2.03 -12.26 -13.15
CA LYS A 171 -2.58 -13.60 -13.04
C LYS A 171 -3.54 -13.94 -14.18
N GLY A 172 -4.24 -12.93 -14.68
CA GLY A 172 -5.20 -13.14 -15.77
C GLY A 172 -4.66 -12.73 -17.14
N SER A 173 -3.35 -12.52 -17.22
CA SER A 173 -2.73 -12.06 -18.46
C SER A 173 -2.95 -12.97 -19.69
N ALA A 174 -3.03 -14.28 -19.44
CA ALA A 174 -3.13 -15.26 -20.53
C ALA A 174 -4.55 -15.73 -20.85
N ILE A 175 -5.55 -15.15 -20.19
CA ILE A 175 -6.95 -15.49 -20.46
C ILE A 175 -7.29 -15.23 -21.92
N ASP A 176 -8.01 -16.17 -22.54
CA ASP A 176 -8.38 -16.08 -23.95
C ASP A 176 -9.46 -15.01 -24.14
N ARG A 177 -9.06 -13.87 -24.71
CA ARG A 177 -9.94 -12.70 -24.85
C ARG A 177 -10.89 -12.80 -26.04
N LYS A 178 -10.74 -13.84 -26.85
CA LYS A 178 -11.68 -14.15 -27.92
C LYS A 178 -12.81 -15.04 -27.40
N ARG A 179 -12.58 -15.68 -26.26
CA ARG A 179 -13.55 -16.62 -25.67
C ARG A 179 -14.21 -16.03 -24.42
N HIS A 180 -13.46 -15.19 -23.71
CA HIS A 180 -13.91 -14.62 -22.45
C HIS A 180 -13.75 -13.10 -22.47
N HIS A 181 -14.38 -12.43 -21.49
CA HIS A 181 -14.28 -10.99 -21.34
C HIS A 181 -13.36 -10.66 -20.17
N VAL A 182 -12.48 -9.69 -20.37
CA VAL A 182 -11.56 -9.27 -19.32
C VAL A 182 -11.73 -7.77 -19.06
N LEU A 183 -12.07 -7.44 -17.82
CA LEU A 183 -12.19 -6.06 -17.37
C LEU A 183 -11.10 -5.82 -16.34
N GLN A 184 -10.38 -4.72 -16.51
CA GLN A 184 -9.21 -4.40 -15.67
C GLN A 184 -9.35 -3.01 -15.09
N THR A 185 -8.98 -2.87 -13.81
CA THR A 185 -8.84 -1.55 -13.18
C THR A 185 -7.94 -1.64 -11.96
N ALA A 186 -7.80 -0.55 -11.22
CA ALA A 186 -6.97 -0.53 -10.03
C ALA A 186 -7.57 -1.36 -8.89
N HIS A 187 -6.74 -1.72 -7.92
CA HIS A 187 -7.21 -2.42 -6.72
C HIS A 187 -8.10 -1.48 -5.89
N PRO A 188 -9.18 -2.03 -5.27
CA PRO A 188 -10.12 -1.21 -4.50
C PRO A 188 -9.65 -0.66 -3.14
N SER A 189 -8.47 -1.07 -2.67
CA SER A 189 -7.92 -0.52 -1.42
C SER A 189 -7.79 1.00 -1.51
N PRO A 190 -7.99 1.71 -0.37
CA PRO A 190 -7.93 3.18 -0.41
C PRO A 190 -6.68 3.76 -1.09
N LEU A 191 -5.53 3.11 -0.94
CA LEU A 191 -4.30 3.59 -1.59
C LEU A 191 -4.39 3.68 -3.11
N SER A 192 -5.18 2.79 -3.73
CA SER A 192 -5.22 2.69 -5.19
C SER A 192 -6.59 2.96 -5.81
N VAL A 193 -7.61 3.10 -4.97
CA VAL A 193 -9.00 3.14 -5.44
C VAL A 193 -9.27 4.26 -6.46
N TYR A 194 -8.58 5.40 -6.32
CA TYR A 194 -8.80 6.54 -7.23
C TYR A 194 -7.88 6.53 -8.45
N ARG A 195 -7.15 5.43 -8.62
CA ARG A 195 -6.33 5.20 -9.80
C ARG A 195 -7.14 4.43 -10.86
N GLY A 196 -8.47 4.39 -10.69
CA GLY A 196 -9.37 3.83 -11.69
C GLY A 196 -10.59 3.08 -11.18
N PHE A 197 -10.49 2.48 -9.99
CA PHE A 197 -11.57 1.63 -9.47
C PHE A 197 -12.87 2.41 -9.27
N PHE A 198 -12.78 3.57 -8.62
CA PHE A 198 -13.93 4.45 -8.52
C PHE A 198 -14.25 4.98 -9.91
N GLY A 199 -15.40 4.55 -10.43
CA GLY A 199 -15.83 4.90 -11.77
C GLY A 199 -15.61 3.81 -12.81
N CYS A 200 -14.99 2.70 -12.39
CA CYS A 200 -14.75 1.57 -13.32
C CYS A 200 -16.04 0.93 -13.84
N ARG A 201 -17.09 0.99 -13.01
CA ARG A 201 -18.42 0.46 -13.37
C ARG A 201 -18.40 -1.01 -13.80
N HIS A 202 -17.53 -1.79 -13.18
CA HIS A 202 -17.35 -3.20 -13.52
C HIS A 202 -18.61 -4.03 -13.33
N PHE A 203 -19.46 -3.64 -12.38
CA PHE A 203 -20.59 -4.47 -12.01
C PHE A 203 -21.72 -4.41 -13.05
N SER A 204 -22.06 -3.20 -13.51
CA SER A 204 -23.02 -3.06 -14.63
C SER A 204 -22.42 -3.62 -15.92
N LYS A 205 -21.13 -3.35 -16.15
CA LYS A 205 -20.45 -3.83 -17.37
C LYS A 205 -20.48 -5.35 -17.44
N THR A 206 -20.24 -6.00 -16.30
CA THR A 206 -20.32 -7.44 -16.22
C THR A 206 -21.70 -7.96 -16.65
N ASN A 207 -22.75 -7.33 -16.13
CA ASN A 207 -24.10 -7.79 -16.40
C ASN A 207 -24.49 -7.65 -17.88
N GLU A 208 -24.01 -6.58 -18.51
CA GLU A 208 -24.26 -6.39 -19.93
C GLU A 208 -23.53 -7.44 -20.77
N LEU A 209 -22.28 -7.75 -20.37
CA LEU A 209 -21.50 -8.78 -21.05
C LEU A 209 -22.14 -10.16 -20.89
N LEU A 210 -22.71 -10.42 -19.71
CA LEU A 210 -23.41 -11.66 -19.46
C LEU A 210 -24.62 -11.81 -20.36
N GLN A 211 -25.38 -10.73 -20.50
CA GLN A 211 -26.56 -10.73 -21.35
C GLN A 211 -26.22 -10.91 -22.83
N LYS A 212 -25.04 -10.43 -23.24
CA LYS A 212 -24.50 -10.63 -24.58
C LYS A 212 -24.24 -12.11 -24.92
N SER A 213 -23.90 -12.90 -23.89
CA SER A 213 -23.69 -14.33 -24.06
C SER A 213 -24.94 -15.15 -23.77
N GLY A 214 -26.09 -14.48 -23.64
CA GLY A 214 -27.36 -15.14 -23.38
C GLY A 214 -27.49 -15.66 -21.97
N LYS A 215 -26.75 -15.04 -21.05
CA LYS A 215 -26.80 -15.45 -19.64
C LYS A 215 -27.53 -14.44 -18.76
N LYS A 216 -28.11 -14.94 -17.68
CA LYS A 216 -28.81 -14.10 -16.71
C LYS A 216 -27.78 -13.32 -15.90
N PRO A 217 -28.07 -12.04 -15.59
CA PRO A 217 -27.11 -11.20 -14.90
C PRO A 217 -26.98 -11.53 -13.42
N ILE A 218 -25.95 -11.00 -12.78
CA ILE A 218 -25.79 -11.12 -11.34
C ILE A 218 -26.69 -10.09 -10.66
N ASP A 219 -27.39 -10.50 -9.61
CA ASP A 219 -28.04 -9.55 -8.75
C ASP A 219 -27.04 -9.20 -7.66
N TRP A 220 -26.34 -8.08 -7.84
CA TRP A 220 -25.24 -7.71 -6.94
C TRP A 220 -25.74 -7.37 -5.52
N LYS A 221 -27.01 -7.02 -5.40
CA LYS A 221 -27.60 -6.76 -4.09
C LYS A 221 -28.11 -8.02 -3.36
N GLU A 222 -28.04 -9.18 -4.03
CA GLU A 222 -28.45 -10.44 -3.40
C GLU A 222 -27.33 -10.95 -2.49
N LEU A 223 -27.29 -10.39 -1.29
CA LEU A 223 -26.25 -10.64 -0.29
C LEU A 223 -26.85 -10.91 1.08
N GLU B 2 2.77 -1.80 -5.26
CA GLU B 2 4.02 -2.11 -4.51
C GLU B 2 4.80 -0.82 -4.15
N PHE B 3 4.05 0.26 -3.97
CA PHE B 3 4.65 1.56 -3.68
C PHE B 3 4.71 1.94 -2.20
N PHE B 4 4.04 1.16 -1.34
CA PHE B 4 4.00 1.44 0.10
C PHE B 4 4.61 0.29 0.90
N GLY B 5 5.68 0.57 1.63
CA GLY B 5 6.46 -0.46 2.37
C GLY B 5 5.67 -1.24 3.42
N GLU B 6 5.93 -2.56 3.48
CA GLU B 6 5.08 -3.46 4.28
C GLU B 6 5.07 -3.18 5.79
N SER B 7 6.24 -2.90 6.37
CA SER B 7 6.29 -2.63 7.82
C SER B 7 5.57 -1.34 8.15
N TRP B 8 5.67 -0.37 7.25
CA TRP B 8 4.95 0.89 7.39
C TRP B 8 3.44 0.68 7.20
N LYS B 9 3.07 -0.11 6.20
CA LYS B 9 1.66 -0.42 5.92
C LYS B 9 0.98 -1.12 7.11
N LYS B 10 1.66 -2.09 7.71
CA LYS B 10 1.14 -2.81 8.88
C LYS B 10 0.69 -1.83 9.97
N HIS B 11 1.51 -0.83 10.26
CA HIS B 11 1.23 0.08 11.37
C HIS B 11 0.46 1.35 10.99
N LEU B 12 0.37 1.64 9.70
CA LEU B 12 -0.29 2.87 9.24
C LEU B 12 -1.60 2.65 8.48
N SER B 13 -1.88 1.42 8.06
CA SER B 13 -3.06 1.13 7.24
C SER B 13 -4.39 1.47 7.94
N GLY B 14 -4.38 1.56 9.26
CA GLY B 14 -5.55 2.04 10.02
C GLY B 14 -6.04 3.41 9.56
N GLU B 15 -5.13 4.20 8.99
CA GLU B 15 -5.47 5.53 8.47
C GLU B 15 -6.23 5.46 7.15
N PHE B 16 -6.02 4.39 6.38
CA PHE B 16 -6.44 4.36 4.98
C PHE B 16 -7.94 4.49 4.73
N GLY B 17 -8.74 3.80 5.55
CA GLY B 17 -10.20 3.82 5.40
C GLY B 17 -10.88 5.04 6.00
N LYS B 18 -10.12 5.84 6.75
CA LYS B 18 -10.65 7.06 7.37
C LYS B 18 -11.12 8.06 6.33
N PRO B 19 -12.25 8.76 6.58
CA PRO B 19 -12.78 9.68 5.57
C PRO B 19 -11.78 10.69 4.99
N TYR B 20 -10.92 11.27 5.83
CA TYR B 20 -9.97 12.27 5.34
C TYR B 20 -8.99 11.64 4.35
N PHE B 21 -8.66 10.36 4.57
CA PHE B 21 -7.69 9.70 3.70
C PHE B 21 -8.24 9.42 2.30
N ILE B 22 -9.47 8.89 2.24
CA ILE B 22 -10.14 8.65 0.96
C ILE B 22 -10.33 9.97 0.21
N LYS B 23 -10.75 11.01 0.94
CA LYS B 23 -10.94 12.35 0.38
C LYS B 23 -9.62 12.83 -0.23
N LEU B 24 -8.53 12.65 0.50
CA LEU B 24 -7.21 13.07 0.04
C LEU B 24 -6.82 12.34 -1.25
N MET B 25 -6.99 11.02 -1.25
CA MET B 25 -6.69 10.21 -2.43
C MET B 25 -7.44 10.70 -3.66
N GLY B 26 -8.72 11.03 -3.46
CA GLY B 26 -9.56 11.62 -4.51
C GLY B 26 -9.04 12.96 -5.01
N PHE B 27 -8.62 13.82 -4.08
CA PHE B 27 -8.13 15.14 -4.46
C PHE B 27 -6.88 15.02 -5.32
N VAL B 28 -5.93 14.22 -4.85
CA VAL B 28 -4.68 14.02 -5.60
C VAL B 28 -4.95 13.44 -6.99
N ALA B 29 -5.83 12.45 -7.04
CA ALA B 29 -6.20 11.81 -8.30
C ALA B 29 -6.78 12.81 -9.30
N GLU B 30 -7.64 13.69 -8.80
CA GLU B 30 -8.27 14.70 -9.64
C GLU B 30 -7.25 15.73 -10.14
N GLU B 31 -6.31 16.10 -9.27
CA GLU B 31 -5.21 16.96 -9.67
C GLU B 31 -4.38 16.34 -10.78
N ARG B 32 -4.08 15.04 -10.66
CA ARG B 32 -3.27 14.32 -11.66
C ARG B 32 -3.94 14.25 -13.04
N LYS B 33 -5.26 14.29 -13.07
CA LYS B 33 -6.02 14.26 -14.34
C LYS B 33 -5.80 15.53 -15.15
N HIS B 34 -5.67 16.65 -14.45
CA HIS B 34 -5.68 17.97 -15.09
C HIS B 34 -4.32 18.67 -15.08
N TYR B 35 -3.43 18.24 -14.18
CA TYR B 35 -2.12 18.86 -14.00
C TYR B 35 -1.01 17.83 -13.85
N THR B 36 0.23 18.31 -13.92
CA THR B 36 1.38 17.50 -13.54
C THR B 36 1.58 17.64 -12.05
N VAL B 37 1.61 16.50 -11.35
CA VAL B 37 1.77 16.46 -9.91
C VAL B 37 3.05 15.70 -9.57
N TYR B 38 3.82 16.26 -8.63
CA TYR B 38 5.07 15.68 -8.17
C TYR B 38 4.94 15.23 -6.71
N PRO B 39 5.66 14.15 -6.32
CA PRO B 39 6.48 13.30 -7.19
C PRO B 39 5.58 12.41 -8.07
N PRO B 40 6.16 11.69 -9.05
CA PRO B 40 5.39 10.72 -9.83
C PRO B 40 4.63 9.73 -8.93
N PRO B 41 3.55 9.12 -9.45
CA PRO B 41 2.62 8.28 -8.65
C PRO B 41 3.29 7.14 -7.89
N HIS B 42 4.39 6.61 -8.42
CA HIS B 42 5.06 5.48 -7.81
C HIS B 42 6.09 5.92 -6.77
N GLN B 43 6.26 7.23 -6.60
CA GLN B 43 7.30 7.75 -5.70
C GLN B 43 6.78 8.65 -4.58
N VAL B 44 5.47 8.62 -4.33
CA VAL B 44 4.88 9.41 -3.24
C VAL B 44 5.28 8.85 -1.87
N PHE B 45 5.48 7.53 -1.80
CA PHE B 45 5.78 6.84 -0.53
C PHE B 45 7.18 6.22 -0.48
N THR B 46 8.11 6.78 -1.26
CA THR B 46 9.50 6.32 -1.24
C THR B 46 10.05 6.28 0.19
N TRP B 47 9.58 7.20 1.03
CA TRP B 47 10.02 7.25 2.44
C TRP B 47 9.62 6.01 3.24
N THR B 48 8.72 5.18 2.70
CA THR B 48 8.33 3.91 3.35
C THR B 48 9.15 2.73 2.83
N GLN B 49 10.00 2.99 1.83
CA GLN B 49 10.63 1.90 1.07
C GLN B 49 12.11 1.67 1.38
N MET B 50 12.68 2.50 2.24
CA MET B 50 14.14 2.55 2.39
C MET B 50 14.66 1.81 3.61
N CYS B 51 13.82 1.72 4.64
CA CYS B 51 14.13 0.93 5.83
C CYS B 51 12.83 0.50 6.50
N ASP B 52 12.95 -0.46 7.43
CA ASP B 52 11.83 -0.91 8.24
C ASP B 52 11.46 0.21 9.21
N ILE B 53 10.16 0.36 9.48
CA ILE B 53 9.68 1.42 10.37
C ILE B 53 10.29 1.29 11.78
N LYS B 54 10.56 0.05 12.20
CA LYS B 54 11.18 -0.22 13.50
C LYS B 54 12.65 0.21 13.56
N ASP B 55 13.24 0.46 12.39
CA ASP B 55 14.65 0.83 12.31
C ASP B 55 14.91 2.33 12.21
N VAL B 56 13.84 3.13 12.25
CA VAL B 56 13.98 4.58 12.23
C VAL B 56 14.72 5.09 13.47
N LYS B 57 15.71 5.97 13.25
CA LYS B 57 16.52 6.55 14.33
C LYS B 57 16.37 8.07 14.39
N VAL B 58 16.14 8.66 13.21
CA VAL B 58 16.17 10.11 13.02
C VAL B 58 15.02 10.45 12.08
N VAL B 59 14.36 11.58 12.34
CA VAL B 59 13.28 12.06 11.47
C VAL B 59 13.58 13.49 11.06
N ILE B 60 13.82 13.69 9.77
CA ILE B 60 13.97 15.01 9.21
C ILE B 60 12.65 15.38 8.54
N LEU B 61 12.01 16.42 9.06
N LEU B 61 12.01 16.42 9.05
CA LEU B 61 10.72 16.88 8.59
CA LEU B 61 10.72 16.83 8.54
C LEU B 61 10.85 18.13 7.73
C LEU B 61 10.78 18.14 7.76
N GLY B 62 10.25 18.09 6.55
CA GLY B 62 10.17 19.24 5.68
C GLY B 62 8.74 19.67 5.43
N GLN B 63 8.57 20.55 4.45
CA GLN B 63 7.31 21.20 4.17
C GLN B 63 6.52 20.43 3.10
N ASP B 64 6.98 20.52 1.85
CA ASP B 64 6.36 19.77 0.76
C ASP B 64 7.40 19.50 -0.32
N PRO B 65 7.07 18.67 -1.32
CA PRO B 65 8.08 18.25 -2.29
C PRO B 65 8.57 19.36 -3.21
N TYR B 66 9.74 19.15 -3.82
CA TYR B 66 10.20 20.02 -4.90
C TYR B 66 9.11 20.09 -5.98
N HIS B 67 8.92 21.26 -6.57
CA HIS B 67 7.84 21.44 -7.55
C HIS B 67 8.32 21.58 -9.00
N GLY B 68 9.59 21.26 -9.24
CA GLY B 68 10.15 21.36 -10.59
C GLY B 68 10.34 19.98 -11.21
N PRO B 69 10.40 19.92 -12.56
CA PRO B 69 10.62 18.67 -13.28
C PRO B 69 11.80 17.86 -12.72
N ASN B 70 11.60 16.55 -12.60
CA ASN B 70 12.63 15.57 -12.23
C ASN B 70 13.22 15.68 -10.82
N GLN B 71 12.66 16.55 -9.99
CA GLN B 71 13.25 16.82 -8.67
C GLN B 71 12.73 15.90 -7.57
N ALA B 72 11.45 16.05 -7.22
CA ALA B 72 10.89 15.27 -6.11
C ALA B 72 10.82 13.77 -6.42
N HIS B 73 11.25 12.96 -5.46
CA HIS B 73 11.08 11.51 -5.56
C HIS B 73 10.66 10.81 -4.26
N GLY B 74 10.07 11.56 -3.33
CA GLY B 74 9.43 10.95 -2.15
C GLY B 74 10.28 10.90 -0.90
N LEU B 75 11.47 11.49 -0.96
CA LEU B 75 12.31 11.70 0.23
C LEU B 75 12.61 13.20 0.31
N CYS B 76 12.29 13.83 1.44
CA CYS B 76 12.48 15.28 1.54
C CYS B 76 13.92 15.70 1.20
N PHE B 77 14.02 16.77 0.42
CA PHE B 77 15.28 17.41 0.00
C PHE B 77 16.12 16.67 -1.02
N SER B 78 15.79 15.41 -1.29
CA SER B 78 16.59 14.52 -2.13
C SER B 78 16.28 14.68 -3.61
N VAL B 79 17.29 14.52 -4.46
CA VAL B 79 17.07 14.43 -5.92
C VAL B 79 17.91 13.29 -6.49
N GLN B 80 17.31 12.49 -7.37
CA GLN B 80 18.00 11.37 -8.00
C GLN B 80 18.99 11.86 -9.05
N ARG B 81 20.08 11.13 -9.21
CA ARG B 81 21.01 11.38 -10.33
C ARG B 81 20.22 11.44 -11.64
N PRO B 82 20.63 12.31 -12.59
CA PRO B 82 21.77 13.22 -12.54
C PRO B 82 21.36 14.64 -12.16
N VAL B 83 20.23 14.77 -11.49
CA VAL B 83 19.69 16.08 -11.09
C VAL B 83 20.63 16.77 -10.10
N PRO B 84 21.00 18.02 -10.39
CA PRO B 84 21.89 18.78 -9.51
C PRO B 84 21.20 19.09 -8.19
N PRO B 85 21.94 19.00 -7.06
CA PRO B 85 21.31 19.37 -5.80
C PRO B 85 20.68 20.77 -5.87
N PRO B 86 19.38 20.89 -5.55
CA PRO B 86 18.77 22.21 -5.49
C PRO B 86 19.34 23.08 -4.35
N PRO B 87 19.13 24.40 -4.42
CA PRO B 87 19.75 25.30 -3.44
C PRO B 87 19.58 24.86 -1.97
N SER B 88 18.40 24.37 -1.61
CA SER B 88 18.13 23.86 -0.25
C SER B 88 19.15 22.78 0.11
N LEU B 89 19.36 21.83 -0.80
CA LEU B 89 20.30 20.74 -0.57
C LEU B 89 21.77 21.16 -0.55
N GLU B 90 22.19 22.10 -1.39
N GLU B 90 22.10 22.08 -1.47
CA GLU B 90 23.59 22.57 -1.29
CA GLU B 90 23.41 22.74 -1.50
C GLU B 90 23.86 23.26 0.06
C GLU B 90 23.79 23.30 -0.09
N ASN B 91 22.82 23.92 0.58
CA ASN B 91 22.96 24.50 1.91
C ASN B 91 23.06 23.42 3.00
N ILE B 92 22.25 22.38 2.89
CA ILE B 92 22.38 21.21 3.78
C ILE B 92 23.81 20.64 3.73
N TYR B 93 24.32 20.44 2.52
CA TYR B 93 25.68 19.95 2.35
C TYR B 93 26.73 20.93 2.88
N LYS B 94 26.47 22.22 2.75
CA LYS B 94 27.35 23.25 3.28
C LYS B 94 27.46 23.16 4.80
N GLU B 95 26.31 23.06 5.45
CA GLU B 95 26.27 22.95 6.91
C GLU B 95 26.98 21.68 7.36
N LEU B 96 26.77 20.58 6.64
CA LEU B 96 27.47 19.33 6.95
C LEU B 96 29.00 19.48 6.95
N SER B 97 29.52 20.18 5.95
N SER B 97 29.51 20.20 5.96
CA SER B 97 30.97 20.35 5.82
CA SER B 97 30.96 20.38 5.78
C SER B 97 31.55 21.14 7.01
C SER B 97 31.61 21.28 6.84
N THR B 98 30.83 22.17 7.47
CA THR B 98 31.32 23.00 8.57
C THR B 98 31.10 22.27 9.90
N ASP B 99 29.99 21.53 9.97
CA ASP B 99 29.61 20.79 11.17
C ASP B 99 30.54 19.62 11.43
N ILE B 100 30.69 18.75 10.43
CA ILE B 100 31.51 17.55 10.57
C ILE B 100 32.65 17.60 9.57
N GLU B 101 33.87 17.80 10.09
CA GLU B 101 35.07 17.95 9.28
C GLU B 101 35.26 16.82 8.26
N ASP B 102 34.95 15.58 8.67
CA ASP B 102 35.17 14.42 7.81
C ASP B 102 34.07 14.14 6.79
N PHE B 103 33.03 14.97 6.77
CA PHE B 103 31.98 14.82 5.76
C PHE B 103 32.57 14.98 4.37
N VAL B 104 32.12 14.14 3.44
CA VAL B 104 32.53 14.18 2.04
C VAL B 104 31.30 14.37 1.16
N HIS B 105 31.30 15.44 0.35
CA HIS B 105 30.21 15.71 -0.61
C HIS B 105 30.18 14.60 -1.68
N PRO B 106 29.02 13.93 -1.84
CA PRO B 106 28.96 12.75 -2.72
C PRO B 106 28.95 13.08 -4.22
N GLY B 107 28.81 14.35 -4.57
CA GLY B 107 28.78 14.77 -5.96
C GLY B 107 27.42 14.56 -6.62
N HIS B 108 26.39 14.33 -5.81
CA HIS B 108 25.01 14.20 -6.28
C HIS B 108 24.06 14.53 -5.12
N GLY B 109 22.76 14.56 -5.40
CA GLY B 109 21.77 14.94 -4.37
C GLY B 109 20.84 13.84 -3.87
N ASP B 110 21.22 12.59 -4.11
CA ASP B 110 20.37 11.46 -3.73
C ASP B 110 20.63 11.07 -2.29
N LEU B 111 19.62 11.28 -1.44
CA LEU B 111 19.76 11.08 0.01
C LEU B 111 19.32 9.68 0.47
N SER B 112 19.20 8.75 -0.48
CA SER B 112 18.78 7.38 -0.19
C SER B 112 19.68 6.72 0.84
N GLY B 113 20.98 7.04 0.77
CA GLY B 113 21.98 6.53 1.74
C GLY B 113 21.66 6.85 3.19
N TRP B 114 21.03 8.01 3.42
CA TRP B 114 20.58 8.37 4.77
C TRP B 114 19.33 7.58 5.13
N ALA B 115 18.39 7.51 4.18
CA ALA B 115 17.13 6.83 4.45
C ALA B 115 17.35 5.35 4.83
N LYS B 116 18.30 4.70 4.15
CA LYS B 116 18.65 3.31 4.41
C LYS B 116 19.24 3.10 5.81
N GLN B 117 19.84 4.15 6.36
CA GLN B 117 20.40 4.11 7.71
C GLN B 117 19.38 4.37 8.81
N GLY B 118 18.12 4.59 8.40
CA GLY B 118 17.07 4.88 9.37
C GLY B 118 16.80 6.37 9.59
N VAL B 119 17.18 7.19 8.62
CA VAL B 119 16.80 8.61 8.63
C VAL B 119 15.53 8.77 7.81
N LEU B 120 14.41 8.97 8.50
CA LEU B 120 13.13 9.22 7.83
C LEU B 120 13.12 10.61 7.22
N LEU B 121 13.00 10.66 5.89
CA LEU B 121 13.04 11.93 5.17
C LEU B 121 11.63 12.28 4.73
N LEU B 122 10.85 12.80 5.69
CA LEU B 122 9.42 13.04 5.51
C LEU B 122 9.11 14.50 5.27
N ASN B 123 8.23 14.77 4.32
CA ASN B 123 7.61 16.10 4.18
C ASN B 123 6.22 16.06 4.80
N ALA B 124 5.77 17.18 5.35
CA ALA B 124 4.44 17.27 5.96
C ALA B 124 3.35 17.01 4.92
N VAL B 125 3.55 17.54 3.72
CA VAL B 125 2.65 17.41 2.57
C VAL B 125 3.42 16.60 1.53
N LEU B 126 2.79 15.58 0.95
CA LEU B 126 3.53 14.59 0.13
C LEU B 126 3.34 14.67 -1.39
N THR B 127 2.52 15.60 -1.84
CA THR B 127 2.37 15.91 -3.26
C THR B 127 2.30 17.41 -3.49
N VAL B 128 2.57 17.83 -4.72
CA VAL B 128 2.51 19.24 -5.10
C VAL B 128 2.20 19.36 -6.60
N ARG B 129 1.37 20.33 -6.95
CA ARG B 129 1.16 20.65 -8.36
C ARG B 129 2.44 21.30 -8.91
N ALA B 130 2.84 20.90 -10.11
CA ALA B 130 4.03 21.43 -10.75
C ALA B 130 4.06 22.97 -10.68
N HIS B 131 5.20 23.51 -10.23
CA HIS B 131 5.48 24.94 -10.19
C HIS B 131 4.69 25.77 -9.16
N GLN B 132 3.94 25.10 -8.29
CA GLN B 132 3.14 25.80 -7.28
C GLN B 132 3.42 25.26 -5.88
N ALA B 133 4.37 25.88 -5.19
CA ALA B 133 4.80 25.43 -3.86
C ALA B 133 3.65 25.41 -2.84
N ASN B 134 3.57 24.32 -2.08
CA ASN B 134 2.57 24.12 -1.02
C ASN B 134 1.12 24.18 -1.55
N SER B 135 0.94 23.92 -2.85
CA SER B 135 -0.36 23.92 -3.52
C SER B 135 -1.31 22.82 -3.05
N HIS B 136 -0.75 21.77 -2.43
CA HIS B 136 -1.56 20.67 -1.93
C HIS B 136 -1.65 20.67 -0.40
N LYS B 137 -1.31 21.79 0.25
CA LYS B 137 -1.37 21.85 1.71
C LYS B 137 -2.83 21.88 2.17
N GLU B 138 -3.07 21.32 3.36
CA GLU B 138 -4.37 21.31 4.01
C GLU B 138 -5.47 20.62 3.19
N ARG B 139 -5.08 19.53 2.53
CA ARG B 139 -6.00 18.70 1.75
C ARG B 139 -6.12 17.29 2.32
N GLY B 140 -5.40 17.04 3.41
CA GLY B 140 -5.40 15.73 4.07
C GLY B 140 -4.02 15.17 4.41
N TRP B 141 -2.98 15.58 3.69
CA TRP B 141 -1.63 15.05 3.94
C TRP B 141 -1.20 15.26 5.38
N GLU B 142 -1.50 16.44 5.93
CA GLU B 142 -1.07 16.80 7.28
C GLU B 142 -1.55 15.82 8.34
N GLN B 143 -2.83 15.43 8.27
CA GLN B 143 -3.40 14.45 9.20
C GLN B 143 -2.69 13.10 9.05
N PHE B 144 -2.37 12.72 7.81
CA PHE B 144 -1.64 11.47 7.59
C PHE B 144 -0.22 11.50 8.13
N THR B 145 0.54 12.55 7.82
CA THR B 145 1.91 12.66 8.32
C THR B 145 1.93 12.88 9.85
N ASP B 146 0.88 13.50 10.40
CA ASP B 146 0.65 13.50 11.85
C ASP B 146 0.63 12.09 12.43
N ALA B 147 -0.11 11.19 11.75
CA ALA B 147 -0.26 9.81 12.17
C ALA B 147 1.08 9.06 12.15
N VAL B 148 1.91 9.38 11.16
CA VAL B 148 3.25 8.79 11.07
C VAL B 148 4.08 9.22 12.28
N VAL B 149 4.09 10.52 12.54
CA VAL B 149 4.83 11.10 13.66
C VAL B 149 4.30 10.53 14.98
N SER B 150 2.99 10.42 15.10
CA SER B 150 2.37 9.88 16.31
C SER B 150 2.73 8.43 16.57
N TRP B 151 2.75 7.59 15.54
CA TRP B 151 3.14 6.20 15.71
C TRP B 151 4.57 6.11 16.23
N LEU B 152 5.48 6.82 15.57
CA LEU B 152 6.88 6.86 15.99
C LEU B 152 7.04 7.41 17.40
N ASN B 153 6.32 8.49 17.72
CA ASN B 153 6.35 9.08 19.05
C ASN B 153 5.97 8.05 20.13
N GLN B 154 4.96 7.25 19.84
CA GLN B 154 4.42 6.32 20.83
C GLN B 154 5.15 4.97 20.89
N ASN B 155 5.66 4.50 19.75
CA ASN B 155 6.19 3.14 19.64
C ASN B 155 7.70 3.01 19.47
N SER B 156 8.40 4.13 19.65
CA SER B 156 9.85 4.11 19.72
C SER B 156 10.34 4.98 20.88
N ASN B 157 11.64 5.06 21.05
CA ASN B 157 12.23 5.92 22.07
C ASN B 157 13.59 6.43 21.64
N GLY B 158 13.88 7.68 22.00
CA GLY B 158 15.18 8.27 21.75
C GLY B 158 15.40 8.67 20.30
N LEU B 159 14.31 8.88 19.56
CA LEU B 159 14.43 9.38 18.19
C LEU B 159 14.90 10.82 18.26
N VAL B 160 15.66 11.22 17.24
CA VAL B 160 16.02 12.60 17.04
C VAL B 160 15.15 13.16 15.91
N PHE B 161 14.34 14.17 16.23
CA PHE B 161 13.52 14.86 15.24
C PHE B 161 14.18 16.17 14.86
N LEU B 162 14.39 16.36 13.55
CA LEU B 162 14.96 17.59 13.04
C LEU B 162 13.85 18.32 12.28
N LEU B 163 13.37 19.41 12.87
CA LEU B 163 12.23 20.13 12.29
C LEU B 163 12.72 21.38 11.59
N TRP B 164 12.78 21.32 10.27
CA TRP B 164 13.35 22.40 9.48
C TRP B 164 12.24 23.17 8.77
N GLY B 165 12.05 24.42 9.19
CA GLY B 165 11.00 25.26 8.63
C GLY B 165 9.70 25.25 9.42
N SER B 166 8.84 26.22 9.16
CA SER B 166 7.63 26.40 9.95
C SER B 166 6.60 25.30 9.74
N TYR B 167 6.49 24.78 8.51
CA TYR B 167 5.49 23.73 8.26
C TYR B 167 5.85 22.41 8.93
N ALA B 168 7.14 22.10 8.95
CA ALA B 168 7.67 20.99 9.74
C ALA B 168 7.42 21.17 11.24
N GLN B 169 7.73 22.36 11.74
CA GLN B 169 7.85 22.62 13.19
C GLN B 169 6.56 22.60 14.00
N LYS B 170 5.45 22.91 13.34
CA LYS B 170 4.17 22.93 14.03
C LYS B 170 3.63 21.50 14.02
N LYS B 171 4.29 20.68 13.21
CA LYS B 171 4.01 19.28 13.14
C LYS B 171 4.65 18.57 14.32
N GLY B 172 5.82 19.06 14.73
CA GLY B 172 6.56 18.45 15.82
C GLY B 172 6.42 19.13 17.16
N SER B 173 5.36 19.92 17.31
N SER B 173 5.37 19.94 17.32
CA SER B 173 5.07 20.67 18.53
CA SER B 173 5.12 20.66 18.57
C SER B 173 4.16 19.93 19.50
C SER B 173 4.74 19.72 19.71
N ALA B 174 4.09 18.61 19.37
CA ALA B 174 3.45 17.73 20.35
C ALA B 174 4.33 16.54 20.75
N ILE B 175 5.36 16.26 19.96
CA ILE B 175 6.32 15.17 20.22
C ILE B 175 6.72 15.15 21.69
N ASP B 176 6.66 13.96 22.30
CA ASP B 176 7.03 13.78 23.70
C ASP B 176 8.53 14.04 23.90
N ARG B 177 8.87 15.22 24.42
CA ARG B 177 10.27 15.59 24.66
C ARG B 177 10.92 14.86 25.84
N LYS B 178 10.12 14.10 26.59
CA LYS B 178 10.62 13.23 27.67
C LYS B 178 11.07 11.88 27.11
N ARG B 179 10.65 11.58 25.89
CA ARG B 179 10.92 10.29 25.25
C ARG B 179 11.83 10.43 24.03
N HIS B 180 11.71 11.55 23.34
CA HIS B 180 12.46 11.82 22.12
C HIS B 180 13.15 13.17 22.20
N HIS B 181 14.03 13.44 21.22
CA HIS B 181 14.75 14.70 21.15
C HIS B 181 14.30 15.49 19.94
N VAL B 182 14.09 16.78 20.14
CA VAL B 182 13.62 17.66 19.08
C VAL B 182 14.59 18.81 18.90
N LEU B 183 15.15 18.91 17.70
CA LEU B 183 15.94 20.06 17.29
C LEU B 183 15.17 20.79 16.19
N GLN B 184 15.08 22.11 16.28
CA GLN B 184 14.33 22.90 15.31
C GLN B 184 15.20 24.04 14.80
N THR B 185 15.00 24.40 13.54
CA THR B 185 15.70 25.55 12.94
C THR B 185 15.00 26.04 11.68
N ALA B 186 15.55 27.10 11.09
CA ALA B 186 15.03 27.66 9.84
C ALA B 186 15.14 26.67 8.69
N HIS B 187 14.28 26.84 7.69
CA HIS B 187 14.34 26.02 6.48
C HIS B 187 15.66 26.34 5.77
N PRO B 188 16.33 25.30 5.23
CA PRO B 188 17.62 25.51 4.56
C PRO B 188 17.56 26.25 3.21
N SER B 189 16.36 26.62 2.74
CA SER B 189 16.20 27.38 1.49
C SER B 189 17.01 28.69 1.53
N PRO B 190 17.51 29.16 0.38
CA PRO B 190 18.39 30.34 0.34
C PRO B 190 17.92 31.55 1.15
N LEU B 191 16.64 31.89 1.04
CA LEU B 191 16.11 33.06 1.75
C LEU B 191 16.09 32.91 3.27
N SER B 192 15.89 31.69 3.74
CA SER B 192 15.70 31.43 5.18
C SER B 192 16.91 30.82 5.88
N VAL B 193 17.88 30.33 5.10
CA VAL B 193 19.02 29.57 5.64
C VAL B 193 19.87 30.31 6.68
N TYR B 194 20.08 31.61 6.49
CA TYR B 194 20.89 32.39 7.42
C TYR B 194 20.11 32.89 8.63
N ARG B 195 18.83 32.49 8.71
CA ARG B 195 18.00 32.82 9.88
C ARG B 195 17.92 31.64 10.85
N GLY B 196 19.00 30.85 10.88
CA GLY B 196 19.12 29.76 11.84
C GLY B 196 19.83 28.52 11.36
N PHE B 197 19.57 28.12 10.11
CA PHE B 197 20.08 26.84 9.62
C PHE B 197 21.62 26.77 9.62
N PHE B 198 22.27 27.75 9.02
CA PHE B 198 23.72 27.79 9.07
C PHE B 198 24.20 27.96 10.51
N GLY B 199 25.01 27.01 10.97
CA GLY B 199 25.49 27.00 12.34
C GLY B 199 24.68 26.15 13.29
N CYS B 200 23.57 25.59 12.83
CA CYS B 200 22.69 24.80 13.69
C CYS B 200 23.36 23.52 14.20
N ARG B 201 24.33 23.01 13.43
CA ARG B 201 25.12 21.80 13.77
C ARG B 201 24.27 20.57 14.10
N HIS B 202 23.12 20.44 13.44
CA HIS B 202 22.17 19.36 13.74
C HIS B 202 22.75 17.96 13.56
N PHE B 203 23.66 17.82 12.61
CA PHE B 203 24.17 16.52 12.21
C PHE B 203 25.07 15.89 13.28
N SER B 204 26.03 16.67 13.80
CA SER B 204 26.85 16.21 14.92
C SER B 204 25.99 16.03 16.18
N LYS B 205 25.08 16.97 16.42
N LYS B 205 25.09 16.97 16.43
CA LYS B 205 24.20 16.95 17.59
CA LYS B 205 24.23 16.91 17.61
C LYS B 205 23.29 15.71 17.63
C LYS B 205 23.39 15.62 17.60
N THR B 206 22.77 15.33 16.46
CA THR B 206 21.96 14.12 16.29
C THR B 206 22.74 12.86 16.70
N ASN B 207 23.97 12.75 16.22
CA ASN B 207 24.81 11.59 16.54
C ASN B 207 25.16 11.47 18.02
N GLU B 208 25.44 12.60 18.67
CA GLU B 208 25.67 12.56 20.11
C GLU B 208 24.41 12.16 20.88
N LEU B 209 23.26 12.62 20.40
CA LEU B 209 21.97 12.27 21.01
C LEU B 209 21.64 10.79 20.82
N LEU B 210 21.98 10.25 19.64
CA LEU B 210 21.79 8.82 19.35
C LEU B 210 22.61 7.95 20.31
N GLN B 211 23.88 8.32 20.48
CA GLN B 211 24.79 7.60 21.37
C GLN B 211 24.35 7.60 22.84
N LYS B 212 23.58 8.61 23.25
CA LYS B 212 22.97 8.67 24.60
C LYS B 212 21.93 7.56 24.82
N SER B 213 21.32 7.11 23.73
CA SER B 213 20.33 6.04 23.78
C SER B 213 20.95 4.70 23.38
N GLY B 214 22.28 4.68 23.29
CA GLY B 214 23.03 3.48 22.92
C GLY B 214 22.80 3.04 21.50
N LYS B 215 22.50 4.00 20.62
CA LYS B 215 22.27 3.70 19.21
C LYS B 215 23.47 4.13 18.39
N LYS B 216 23.77 3.37 17.33
CA LYS B 216 24.88 3.68 16.43
C LYS B 216 24.59 4.98 15.64
N PRO B 217 25.60 5.84 15.44
CA PRO B 217 25.37 7.12 14.78
C PRO B 217 25.09 6.99 13.28
N ILE B 218 24.56 8.05 12.68
CA ILE B 218 24.37 8.11 11.25
C ILE B 218 25.73 8.46 10.63
N ASP B 219 26.12 7.71 9.61
CA ASP B 219 27.28 8.09 8.80
C ASP B 219 26.78 9.03 7.69
N TRP B 220 26.90 10.33 7.93
CA TRP B 220 26.28 11.32 7.05
C TRP B 220 26.88 11.34 5.64
N LYS B 221 28.11 10.82 5.52
CA LYS B 221 28.80 10.81 4.24
C LYS B 221 28.50 9.53 3.44
N GLU B 222 27.77 8.60 4.06
CA GLU B 222 27.34 7.38 3.37
C GLU B 222 26.16 7.69 2.45
N LEU B 223 26.50 8.15 1.25
CA LEU B 223 25.52 8.58 0.24
C LEU B 223 25.92 8.04 -1.11
C8 3FL C . -6.18 -5.72 0.67
C5 3FL C . -0.54 -1.29 -2.86
C6 3FL C . -1.53 -0.34 -3.07
C2 3FL C . -3.16 -2.11 -3.27
C4 3FL C . -0.84 -2.64 -2.85
O40 3FL C . 1.44 -1.01 -1.61
C38 3FL C . 0.88 -0.81 -2.65
O39 3FL C . 1.46 -0.17 -3.65
C1 3FL C . -2.85 -0.75 -3.28
C3 3FL C . -2.15 -3.05 -3.06
C17 3FL C . -2.52 -4.53 -3.06
N18 3FL C . -2.57 -5.00 -1.68
C7 3FL C . -3.63 -4.58 -0.80
C22 3FL C . -3.72 -5.50 0.42
C23 3FL C . -4.91 -5.15 1.29
N31 3FL C . -6.68 -6.86 1.37
C30 3FL C . -7.98 -7.12 0.88
C16 3FL C . -7.97 -8.42 0.12
N11 3FL C . -7.26 -8.53 -1.02
C15 3FL C . -8.71 -9.49 0.60
C14 3FL C . -8.69 -10.68 -0.15
O33 3FL C . -9.33 -11.67 0.24
N13 3FL C . -7.95 -10.74 -1.27
C12 3FL C . -7.26 -9.69 -1.72
O34 3FL C . -6.59 -9.78 -2.77
S SCN D . -4.50 -26.76 2.95
C SCN D . -4.92 -26.30 4.31
N SCN D . -5.28 -25.92 5.34
S SCN E . -8.75 -3.78 2.98
C SCN E . -8.32 -4.53 4.22
N SCN E . -7.70 -5.08 5.07
S SCN F . -13.56 3.11 4.46
C SCN F . -12.81 2.67 3.24
N SCN F . -12.30 2.43 2.21
S SCN G . -3.01 -1.11 0.70
C SCN G . -3.53 -1.53 2.05
N SCN G . -3.71 -1.68 3.21
C8 3FL H . 11.96 24.78 -0.70
C5 3FL H . 9.68 32.09 4.66
C6 3FL H . 10.33 33.04 3.85
C2 3FL H . 11.53 31.29 2.72
C4 3FL H . 9.98 30.73 4.49
O40 3FL H . 8.60 33.70 5.95
C38 3FL H . 8.70 32.54 5.70
O39 3FL H . 7.94 31.64 6.32
C1 3FL H . 11.25 32.64 2.89
C3 3FL H . 10.89 30.33 3.51
C17 3FL H . 11.20 28.87 3.33
N18 3FL H . 10.72 28.46 2.02
C7 3FL H . 10.63 27.07 1.66
C22 3FL H . 10.87 26.88 0.17
C23 3FL H . 10.66 25.43 -0.25
N31 3FL H . 11.69 23.51 -1.30
C30 3FL H . 12.76 22.60 -1.04
C16 3FL H . 12.17 21.47 -0.22
N11 3FL H . 11.69 21.76 0.98
C15 3FL H . 12.12 20.16 -0.70
C14 3FL H . 11.55 19.19 0.12
O33 3FL H . 11.46 18.00 -0.25
N13 3FL H . 11.07 19.56 1.33
C12 3FL H . 11.15 20.82 1.76
O34 3FL H . 10.70 21.14 2.88
S SCN I . -1.61 9.72 -3.58
C SCN I . -0.90 9.90 -4.89
N SCN I . -0.33 10.04 -5.88
S SCN J . 30.22 12.54 7.99
C SCN J . 29.67 11.88 9.20
N SCN J . 29.30 11.32 10.16
S SCN K . 12.34 30.08 -0.57
C SCN K . 13.58 30.46 -1.30
N SCN K . 14.62 30.52 -1.83
S SCN L . -6.75 -0.81 3.49
C SCN L . -6.68 -0.66 4.97
N SCN L . -6.73 -0.69 6.14
#